data_5R4S
#
_entry.id   5R4S
#
_cell.length_a   58.910
_cell.length_b   58.910
_cell.length_c   212.330
_cell.angle_alpha   90.000
_cell.angle_beta   90.000
_cell.angle_gamma   120.000
#
_symmetry.space_group_name_H-M   'P 32 2 1'
#
loop_
_entity.id
_entity.type
_entity.pdbx_description
1 polymer 'Cleavage and polyadenylation specificity factor subunit 5'
2 non-polymer (4S,5R)-4-hydroxy-5-methyl-5-[(1-phenyl-1H-1,2,3-triazol-4-yl)methyl]pyrrolidin-2-one
3 non-polymer 'ZINC ION'
4 non-polymer 'ACETATE ION'
5 water water
#
_entity_poly.entity_id   1
_entity_poly.type   'polypeptide(L)'
_entity_poly.pdbx_seq_one_letter_code
;SMLERTINLYPLTNYTFGTKEPLYEKDSSVAARFQRMREEFDKIGMRRTVEGVLIVHEHRLPHVLLLQLGTTFFKLPGGE
LNPGEDEVEGLKRLMTEILGRQDGVLQDWVIDDCIGNWWRPNFEPPQYPYIPAHITKPKEHKKLFLVQLQEKALFAVPKN
YKLVAAPLFELYDNAPGYGPIISSLPQLLSRFNFIYN
;
_entity_poly.pdbx_strand_id   A,B
#
loop_
_chem_comp.id
_chem_comp.type
_chem_comp.name
_chem_comp.formula
ACT non-polymer 'ACETATE ION' 'C2 H3 O2 -1'
RWD non-polymer (4S,5R)-4-hydroxy-5-methyl-5-[(1-phenyl-1H-1,2,3-triazol-4-yl)methyl]pyrrolidin-2-one 'C14 H16 N4 O2'
ZN non-polymer 'ZINC ION' 'Zn 2'
#
# COMPACT_ATOMS: atom_id res chain seq x y z
N SER A 1 -1.50 34.77 -32.29
CA SER A 1 -1.10 35.63 -31.13
C SER A 1 -1.89 35.25 -29.86
N MET A 2 -3.02 34.58 -30.05
CA MET A 2 -3.61 33.65 -29.04
C MET A 2 -2.77 32.37 -29.07
N LEU A 3 -1.79 32.26 -28.16
CA LEU A 3 -0.87 31.10 -28.02
C LEU A 3 -1.14 30.35 -26.69
N GLU A 4 -2.09 30.84 -25.91
CA GLU A 4 -2.45 30.26 -24.58
C GLU A 4 -3.37 29.05 -24.74
N ARG A 5 -3.15 28.08 -23.89
CA ARG A 5 -4.09 26.96 -23.69
C ARG A 5 -5.35 27.48 -22.99
N THR A 6 -6.52 27.11 -23.49
CA THR A 6 -7.82 27.44 -22.89
C THR A 6 -8.26 26.29 -21.97
N ILE A 7 -8.60 26.64 -20.73
CA ILE A 7 -8.96 25.65 -19.66
C ILE A 7 -10.32 26.07 -19.10
N ASN A 8 -11.26 25.13 -19.10
CA ASN A 8 -12.57 25.38 -18.47
C ASN A 8 -12.47 25.23 -16.96
N LEU A 9 -12.90 26.26 -16.21
CA LEU A 9 -13.11 26.19 -14.74
C LEU A 9 -14.60 26.18 -14.42
N TYR A 10 -14.95 25.48 -13.34
CA TYR A 10 -16.36 25.39 -12.88
C TYR A 10 -16.38 25.86 -11.45
N PRO A 11 -17.57 26.32 -10.97
CA PRO A 11 -17.71 26.73 -9.59
C PRO A 11 -17.44 25.57 -8.62
N LEU A 12 -16.76 25.88 -7.53
CA LEU A 12 -16.49 24.91 -6.44
C LEU A 12 -17.80 24.25 -5.99
N THR A 13 -18.92 24.99 -5.98
CA THR A 13 -20.26 24.45 -5.63
C THR A 13 -20.74 23.41 -6.65
N ASN A 14 -20.13 23.28 -7.83
CA ASN A 14 -20.44 22.19 -8.77
C ASN A 14 -19.91 20.83 -8.29
N TYR A 15 -19.03 20.80 -7.29
CA TYR A 15 -18.32 19.54 -6.92
C TYR A 15 -18.87 19.08 -5.57
N THR A 16 -19.09 17.77 -5.42
CA THR A 16 -19.47 17.15 -4.11
C THR A 16 -18.23 16.50 -3.50
N PHE A 17 -17.89 16.87 -2.25
CA PHE A 17 -16.79 16.29 -1.46
C PHE A 17 -17.38 15.36 -0.39
N GLY A 18 -17.45 14.08 -0.75
CA GLY A 18 -17.80 12.98 0.17
C GLY A 18 -16.62 12.63 1.05
N THR A 19 -16.76 11.57 1.86
CA THR A 19 -15.72 11.11 2.81
C THR A 19 -15.47 9.62 2.55
N LYS A 20 -14.27 9.14 2.85
CA LYS A 20 -14.01 7.68 2.88
C LYS A 20 -12.96 7.40 3.95
N GLU A 21 -12.51 6.14 4.08
CA GLU A 21 -11.62 5.73 5.19
C GLU A 21 -10.31 6.51 5.11
N PRO A 22 -9.57 6.66 6.24
CA PRO A 22 -8.29 7.33 6.22
C PRO A 22 -7.36 6.64 5.21
N LEU A 23 -6.49 7.42 4.59
CA LEU A 23 -5.44 6.93 3.68
C LEU A 23 -4.11 7.29 4.36
N TYR A 24 -3.37 6.29 4.80
CA TYR A 24 -2.16 6.55 5.62
C TYR A 24 -0.97 6.71 4.70
N GLU A 25 -0.04 7.62 5.06
CA GLU A 25 1.23 7.83 4.33
C GLU A 25 2.08 6.57 4.50
N LYS A 26 2.92 6.21 3.53
CA LYS A 26 3.85 5.05 3.66
C LYS A 26 4.84 5.35 4.78
N ASP A 27 5.12 6.63 5.01
CA ASP A 27 6.16 7.05 5.98
C ASP A 27 5.52 7.72 7.19
N SER A 28 5.89 7.26 8.39
CA SER A 28 5.35 7.79 9.68
C SER A 28 6.15 9.04 10.14
N SER A 29 7.23 9.42 9.45
CA SER A 29 8.06 10.60 9.84
C SER A 29 8.96 11.03 8.68
N VAL A 30 9.52 12.24 8.78
CA VAL A 30 10.52 12.77 7.82
C VAL A 30 11.68 11.77 7.79
N ALA A 31 12.12 11.30 8.94
CA ALA A 31 13.31 10.41 8.97
C ALA A 31 12.99 9.13 8.19
N ALA A 32 11.85 8.48 8.44
CA ALA A 32 11.46 7.24 7.72
C ALA A 32 11.34 7.59 6.23
N ARG A 33 10.79 8.76 5.92
CA ARG A 33 10.62 9.15 4.50
C ARG A 33 11.97 9.12 3.82
N PHE A 34 12.99 9.78 4.39
CA PHE A 34 14.28 9.84 3.66
C PHE A 34 14.98 8.47 3.73
N GLN A 35 14.73 7.64 4.76
CA GLN A 35 15.31 6.28 4.87
C GLN A 35 14.76 5.43 3.71
N ARG A 36 13.45 5.43 3.53
CA ARG A 36 12.81 4.66 2.44
C ARG A 36 13.30 5.20 1.08
N MET A 37 13.46 6.52 0.92
CA MET A 37 13.95 7.07 -0.38
C MET A 37 15.37 6.53 -0.68
N ARG A 38 16.21 6.45 0.35
N ARG A 38 16.22 6.45 0.34
CA ARG A 38 17.58 5.88 0.26
CA ARG A 38 17.59 5.89 0.23
C ARG A 38 17.50 4.41 -0.14
C ARG A 38 17.51 4.41 -0.15
N GLU A 39 16.68 3.65 0.56
CA GLU A 39 16.53 2.20 0.31
C GLU A 39 16.08 1.97 -1.12
N GLU A 40 15.04 2.68 -1.54
CA GLU A 40 14.45 2.45 -2.88
C GLU A 40 15.43 2.97 -3.94
N PHE A 41 16.13 4.07 -3.69
CA PHE A 41 17.11 4.56 -4.68
C PHE A 41 18.14 3.46 -4.99
N ASP A 42 18.61 2.73 -3.97
CA ASP A 42 19.61 1.66 -4.18
C ASP A 42 19.01 0.50 -4.98
N LYS A 43 17.71 0.23 -4.87
CA LYS A 43 17.04 -0.90 -5.59
C LYS A 43 16.61 -0.47 -7.00
N ILE A 44 15.96 0.69 -7.17
CA ILE A 44 15.28 1.02 -8.46
C ILE A 44 15.67 2.42 -8.96
N GLY A 45 16.62 3.08 -8.31
CA GLY A 45 17.11 4.41 -8.75
C GLY A 45 16.13 5.53 -8.45
N MET A 46 16.18 6.57 -9.26
CA MET A 46 15.56 7.86 -8.92
C MET A 46 14.04 7.68 -8.68
N ARG A 47 13.52 8.21 -7.61
CA ARG A 47 12.06 8.26 -7.38
C ARG A 47 11.39 9.15 -8.43
N ARG A 48 10.28 8.67 -8.97
CA ARG A 48 9.48 9.41 -9.98
C ARG A 48 8.14 9.68 -9.30
N THR A 49 7.84 10.94 -9.02
N THR A 49 7.82 10.96 -9.11
CA THR A 49 6.53 11.37 -8.47
CA THR A 49 6.60 11.45 -8.45
C THR A 49 5.78 12.19 -9.50
C THR A 49 5.78 12.28 -9.44
N VAL A 50 4.46 12.15 -9.41
CA VAL A 50 3.55 12.92 -10.26
C VAL A 50 2.54 13.60 -9.35
N GLU A 51 2.15 14.83 -9.69
CA GLU A 51 1.19 15.60 -8.87
C GLU A 51 0.23 16.31 -9.80
N GLY A 52 -1.03 16.35 -9.40
CA GLY A 52 -2.11 16.94 -10.17
C GLY A 52 -2.53 18.29 -9.60
N VAL A 53 -2.70 19.27 -10.47
CA VAL A 53 -3.24 20.61 -10.13
C VAL A 53 -4.65 20.66 -10.65
N LEU A 54 -5.59 20.69 -9.70
CA LEU A 54 -7.05 20.69 -9.99
C LEU A 54 -7.58 22.08 -9.64
N ILE A 55 -8.20 22.72 -10.59
CA ILE A 55 -8.61 24.14 -10.43
C ILE A 55 -10.12 24.24 -10.51
N VAL A 56 -10.63 25.11 -9.66
CA VAL A 56 -12.05 25.50 -9.68
C VAL A 56 -12.09 27.02 -9.60
N HIS A 57 -13.31 27.56 -9.63
CA HIS A 57 -13.46 28.98 -9.28
C HIS A 57 -14.65 29.17 -8.35
N GLU A 58 -14.62 30.30 -7.62
N GLU A 58 -14.66 30.26 -7.58
CA GLU A 58 -15.80 30.87 -6.91
CA GLU A 58 -15.94 30.79 -7.06
C GLU A 58 -15.93 32.33 -7.38
C GLU A 58 -15.98 32.29 -7.35
N HIS A 59 -17.05 32.70 -8.02
CA HIS A 59 -17.29 34.08 -8.46
C HIS A 59 -16.13 34.55 -9.34
N ARG A 60 -15.59 33.65 -10.20
CA ARG A 60 -14.53 33.95 -11.18
C ARG A 60 -13.14 34.08 -10.54
N LEU A 61 -12.94 33.63 -9.31
CA LEU A 61 -11.65 33.70 -8.61
C LEU A 61 -11.07 32.29 -8.64
N PRO A 62 -9.97 32.02 -9.37
CA PRO A 62 -9.47 30.63 -9.45
C PRO A 62 -8.95 30.19 -8.09
N HIS A 63 -9.15 28.90 -7.78
CA HIS A 63 -8.67 28.22 -6.56
C HIS A 63 -8.06 26.85 -6.93
N VAL A 64 -6.96 26.50 -6.31
CA VAL A 64 -6.30 25.19 -6.47
C VAL A 64 -6.82 24.29 -5.32
N LEU A 65 -7.20 23.06 -5.64
CA LEU A 65 -7.54 22.09 -4.58
C LEU A 65 -6.28 21.51 -3.98
N LEU A 66 -6.17 21.62 -2.65
CA LEU A 66 -5.04 21.08 -1.89
C LEU A 66 -5.57 20.06 -0.89
N LEU A 67 -4.74 19.08 -0.60
CA LEU A 67 -5.03 18.11 0.50
C LEU A 67 -4.30 18.56 1.74
N GLN A 68 -5.04 18.73 2.82
CA GLN A 68 -4.43 19.08 4.09
C GLN A 68 -4.47 17.82 4.93
N LEU A 69 -3.32 17.39 5.36
CA LEU A 69 -3.22 16.20 6.24
C LEU A 69 -3.55 16.71 7.65
N GLY A 70 -4.76 16.39 8.16
CA GLY A 70 -5.34 16.99 9.37
C GLY A 70 -5.30 18.51 9.28
N THR A 71 -4.48 19.16 10.09
CA THR A 71 -4.33 20.65 10.04
C THR A 71 -2.83 20.95 9.88
N THR A 72 -2.04 20.03 9.28
CA THR A 72 -0.56 20.06 9.33
C THR A 72 0.02 20.67 8.03
N PHE A 73 0.36 19.82 7.06
CA PHE A 73 1.05 20.15 5.78
C PHE A 73 0.02 20.06 4.65
N PHE A 74 0.30 20.78 3.58
CA PHE A 74 -0.55 20.86 2.36
C PHE A 74 0.16 20.13 1.24
N LYS A 75 -0.60 19.33 0.53
CA LYS A 75 -0.03 18.58 -0.61
C LYS A 75 -0.99 18.64 -1.81
N LEU A 76 -0.39 18.47 -2.98
CA LEU A 76 -1.17 18.18 -4.17
C LEU A 76 -1.53 16.69 -4.21
N PRO A 77 -2.67 16.34 -4.78
CA PRO A 77 -2.97 14.95 -5.05
C PRO A 77 -1.94 14.37 -6.01
N GLY A 78 -1.42 13.19 -5.67
CA GLY A 78 -0.37 12.60 -6.48
C GLY A 78 0.38 11.56 -5.70
N GLY A 79 1.56 11.22 -6.17
CA GLY A 79 2.40 10.26 -5.44
C GLY A 79 3.39 9.61 -6.32
N GLU A 80 3.82 8.42 -5.92
CA GLU A 80 5.01 7.75 -6.50
C GLU A 80 4.58 6.83 -7.62
N LEU A 81 5.26 6.91 -8.76
CA LEU A 81 5.09 5.92 -9.85
C LEU A 81 5.81 4.63 -9.46
N ASN A 82 5.28 3.53 -9.97
CA ASN A 82 6.00 2.24 -9.97
C ASN A 82 7.03 2.26 -11.07
N PRO A 83 8.11 1.46 -10.95
CA PRO A 83 9.04 1.30 -12.07
C PRO A 83 8.35 0.88 -13.37
N GLY A 84 8.68 1.57 -14.45
CA GLY A 84 8.11 1.36 -15.78
C GLY A 84 6.68 1.86 -16.00
N GLU A 85 6.07 2.49 -15.00
CA GLU A 85 4.71 3.04 -15.10
C GLU A 85 4.73 4.38 -15.82
N ASP A 86 3.85 4.51 -16.80
CA ASP A 86 3.56 5.76 -17.54
C ASP A 86 3.18 6.86 -16.55
N GLU A 87 3.74 8.04 -16.75
CA GLU A 87 3.43 9.19 -15.84
C GLU A 87 1.95 9.55 -15.81
N VAL A 88 1.27 9.62 -16.95
CA VAL A 88 -0.11 10.10 -17.00
C VAL A 88 -1.02 8.99 -16.48
N GLU A 89 -0.79 7.73 -16.88
CA GLU A 89 -1.59 6.61 -16.33
C GLU A 89 -1.36 6.57 -14.83
N GLY A 90 -0.14 6.83 -14.39
CA GLY A 90 0.15 6.78 -12.97
C GLY A 90 -0.53 7.88 -12.20
N LEU A 91 -0.50 9.12 -12.69
CA LEU A 91 -1.25 10.19 -11.98
C LEU A 91 -2.75 9.85 -11.93
N LYS A 92 -3.32 9.36 -13.03
CA LYS A 92 -4.75 8.96 -13.04
C LYS A 92 -5.01 7.90 -11.95
N ARG A 93 -4.15 6.89 -11.89
CA ARG A 93 -4.25 5.86 -10.81
C ARG A 93 -4.18 6.48 -9.43
N LEU A 94 -3.19 7.33 -9.16
CA LEU A 94 -3.03 7.94 -7.83
C LEU A 94 -4.21 8.86 -7.49
N MET A 95 -4.68 9.67 -8.43
CA MET A 95 -5.82 10.56 -8.12
C MET A 95 -7.08 9.71 -7.86
N THR A 96 -7.23 8.56 -8.49
CA THR A 96 -8.39 7.61 -8.22
C THR A 96 -8.25 7.03 -6.81
N GLU A 97 -7.05 6.59 -6.43
CA GLU A 97 -6.75 6.06 -5.08
C GLU A 97 -7.03 7.13 -4.02
N ILE A 98 -6.70 8.41 -4.25
CA ILE A 98 -6.91 9.45 -3.21
C ILE A 98 -8.37 9.94 -3.21
N LEU A 99 -8.91 10.34 -4.36
CA LEU A 99 -10.19 11.12 -4.44
C LEU A 99 -11.32 10.32 -5.10
N GLY A 100 -11.04 9.12 -5.62
CA GLY A 100 -12.02 8.26 -6.32
C GLY A 100 -13.18 7.88 -5.42
N ARG A 101 -14.36 7.61 -5.99
CA ARG A 101 -15.63 7.45 -5.23
C ARG A 101 -15.76 6.07 -4.56
N GLN A 102 -16.35 6.06 -3.35
CA GLN A 102 -16.67 4.88 -2.52
C GLN A 102 -17.61 3.92 -3.25
N ASP A 103 -18.40 4.44 -4.20
CA ASP A 103 -19.40 3.66 -5.00
C ASP A 103 -18.73 3.06 -6.24
N GLY A 104 -17.43 3.29 -6.46
CA GLY A 104 -16.69 2.72 -7.61
C GLY A 104 -17.37 2.98 -8.96
N VAL A 105 -17.66 4.25 -9.21
CA VAL A 105 -18.18 4.73 -10.51
C VAL A 105 -16.93 5.28 -11.20
N LEU A 106 -16.74 4.97 -12.47
CA LEU A 106 -15.48 5.44 -13.09
C LEU A 106 -15.50 6.95 -13.33
N GLN A 107 -14.45 7.60 -12.83
CA GLN A 107 -14.17 9.04 -12.87
C GLN A 107 -13.32 9.33 -14.10
N ASP A 108 -13.41 10.54 -14.63
CA ASP A 108 -12.85 10.77 -15.98
C ASP A 108 -11.78 11.83 -15.82
N TRP A 109 -10.55 11.41 -15.57
CA TRP A 109 -9.48 12.42 -15.41
C TRP A 109 -8.97 12.81 -16.80
N VAL A 110 -8.87 14.10 -17.04
CA VAL A 110 -8.32 14.64 -18.32
C VAL A 110 -7.03 15.35 -17.96
N ILE A 111 -5.93 14.86 -18.50
CA ILE A 111 -4.59 15.44 -18.26
C ILE A 111 -3.92 15.69 -19.61
N ASP A 112 -3.79 16.95 -20.02
CA ASP A 112 -3.24 17.29 -21.35
C ASP A 112 -2.06 18.25 -21.19
N ASP A 113 -1.71 18.74 -19.97
CA ASP A 113 -0.70 19.82 -19.88
C ASP A 113 0.32 19.52 -18.78
N CYS A 114 1.60 19.61 -19.08
CA CYS A 114 2.67 19.58 -18.05
C CYS A 114 2.80 21.00 -17.55
N ILE A 115 2.87 21.21 -16.24
N ILE A 115 2.77 21.17 -16.23
CA ILE A 115 3.04 22.62 -15.80
CA ILE A 115 2.92 22.54 -15.67
C ILE A 115 4.37 22.80 -15.08
C ILE A 115 4.36 22.76 -15.22
N GLY A 116 5.11 21.73 -14.81
CA GLY A 116 6.49 21.86 -14.33
C GLY A 116 7.18 20.60 -13.93
N ASN A 117 8.46 20.74 -13.61
CA ASN A 117 9.35 19.64 -13.21
C ASN A 117 10.20 20.14 -12.03
N TRP A 118 10.32 19.33 -10.98
CA TRP A 118 11.17 19.66 -9.82
C TRP A 118 12.10 18.46 -9.57
N TRP A 119 13.29 18.74 -9.10
CA TRP A 119 14.33 17.72 -8.89
C TRP A 119 14.87 17.87 -7.46
N ARG A 120 15.07 16.75 -6.81
CA ARG A 120 15.60 16.67 -5.43
C ARG A 120 16.99 16.09 -5.55
N PRO A 121 18.05 16.90 -5.35
CA PRO A 121 19.40 16.39 -5.56
C PRO A 121 19.91 15.40 -4.51
N ASN A 122 19.40 15.48 -3.28
CA ASN A 122 19.89 14.68 -2.15
C ASN A 122 18.73 14.03 -1.41
N PHE A 123 19.02 13.22 -0.38
CA PHE A 123 17.96 12.65 0.46
C PHE A 123 17.62 13.69 1.53
N GLU A 124 17.16 14.87 1.13
CA GLU A 124 16.98 16.07 1.97
C GLU A 124 15.82 16.83 1.36
N PRO A 125 15.19 17.71 2.14
CA PRO A 125 14.01 18.46 1.71
C PRO A 125 14.16 19.30 0.44
N PRO A 126 15.31 19.94 0.16
CA PRO A 126 15.37 20.87 -0.98
C PRO A 126 15.08 20.27 -2.36
N GLN A 127 14.20 20.98 -3.08
CA GLN A 127 13.82 20.66 -4.47
C GLN A 127 13.99 21.92 -5.32
N TYR A 128 14.32 21.72 -6.58
CA TYR A 128 14.60 22.83 -7.52
C TYR A 128 13.88 22.60 -8.83
N PRO A 129 13.54 23.68 -9.53
CA PRO A 129 12.90 23.55 -10.85
C PRO A 129 13.90 23.27 -11.99
N TYR A 130 15.06 22.68 -11.68
CA TYR A 130 16.16 22.33 -12.61
C TYR A 130 17.05 21.32 -11.87
N ILE A 131 17.92 20.59 -12.57
CA ILE A 131 18.94 19.70 -11.92
C ILE A 131 20.09 20.61 -11.50
N PRO A 132 20.40 20.78 -10.21
CA PRO A 132 21.45 21.72 -9.82
C PRO A 132 22.83 21.30 -10.36
N ALA A 133 23.74 22.26 -10.36
CA ALA A 133 25.13 22.08 -10.81
C ALA A 133 25.75 20.91 -10.05
N HIS A 134 26.49 20.11 -10.80
CA HIS A 134 27.32 18.96 -10.32
C HIS A 134 26.44 17.76 -9.94
N ILE A 135 25.12 17.85 -10.07
CA ILE A 135 24.24 16.72 -9.64
C ILE A 135 24.00 15.84 -10.88
N THR A 136 24.49 14.61 -10.82
CA THR A 136 24.39 13.61 -11.90
C THR A 136 23.33 12.57 -11.52
N LYS A 137 23.14 12.31 -10.22
CA LYS A 137 22.15 11.31 -9.75
C LYS A 137 21.11 12.00 -8.87
N PRO A 138 20.17 12.76 -9.43
CA PRO A 138 19.07 13.30 -8.63
C PRO A 138 18.29 12.15 -7.99
N LYS A 139 17.84 12.33 -6.76
CA LYS A 139 17.19 11.25 -5.98
C LYS A 139 15.69 11.19 -6.27
N GLU A 140 15.07 12.28 -6.71
CA GLU A 140 13.64 12.34 -7.05
C GLU A 140 13.43 13.32 -8.20
N HIS A 141 12.55 12.92 -9.11
CA HIS A 141 12.03 13.78 -10.18
C HIS A 141 10.53 13.87 -10.02
N LYS A 142 10.04 15.08 -9.79
CA LYS A 142 8.60 15.36 -9.57
C LYS A 142 8.04 16.07 -10.79
N LYS A 143 6.92 15.54 -11.31
N LYS A 143 6.92 15.54 -11.32
CA LYS A 143 6.25 16.12 -12.50
CA LYS A 143 6.22 16.10 -12.51
C LYS A 143 4.87 16.64 -12.10
C LYS A 143 4.86 16.65 -12.06
N LEU A 144 4.56 17.90 -12.41
CA LEU A 144 3.26 18.51 -12.15
C LEU A 144 2.48 18.59 -13.45
N PHE A 145 1.20 18.21 -13.40
CA PHE A 145 0.26 18.25 -14.53
C PHE A 145 -0.98 19.02 -14.13
N LEU A 146 -1.55 19.73 -15.08
CA LEU A 146 -2.87 20.37 -14.91
C LEU A 146 -3.94 19.34 -15.22
N VAL A 147 -4.85 19.12 -14.29
CA VAL A 147 -5.96 18.14 -14.47
C VAL A 147 -7.21 18.93 -14.80
N GLN A 148 -7.77 18.76 -15.99
CA GLN A 148 -9.04 19.46 -16.41
C GLN A 148 -10.21 18.72 -15.79
N LEU A 149 -10.89 19.36 -14.86
CA LEU A 149 -12.07 18.73 -14.22
C LEU A 149 -13.28 18.79 -15.14
N GLN A 150 -14.18 17.82 -14.92
CA GLN A 150 -15.49 17.82 -15.58
C GLN A 150 -16.34 18.92 -14.93
N GLU A 151 -17.47 19.27 -15.54
CA GLU A 151 -18.40 20.31 -15.04
C GLU A 151 -18.80 19.99 -13.60
N LYS A 152 -19.11 18.72 -13.32
CA LYS A 152 -19.51 18.22 -12.00
C LYS A 152 -18.78 16.92 -11.68
N ALA A 153 -18.54 16.67 -10.43
CA ALA A 153 -17.92 15.40 -10.00
C ALA A 153 -18.16 15.23 -8.52
N LEU A 154 -18.16 13.97 -8.08
CA LEU A 154 -18.19 13.59 -6.66
C LEU A 154 -16.79 13.09 -6.32
N PHE A 155 -16.15 13.70 -5.32
CA PHE A 155 -14.84 13.23 -4.82
C PHE A 155 -15.03 12.66 -3.42
N ALA A 156 -14.36 11.57 -3.13
CA ALA A 156 -14.36 11.00 -1.76
C ALA A 156 -13.02 11.36 -1.12
N VAL A 157 -13.07 12.17 -0.09
CA VAL A 157 -11.86 12.67 0.62
C VAL A 157 -11.56 11.77 1.81
N PRO A 158 -10.39 11.12 1.84
CA PRO A 158 -10.01 10.30 2.98
C PRO A 158 -10.26 11.09 4.26
N LYS A 159 -10.86 10.43 5.27
CA LYS A 159 -11.37 11.05 6.52
C LYS A 159 -10.24 11.77 7.27
N ASN A 160 -8.97 11.35 7.10
CA ASN A 160 -7.82 12.01 7.80
C ASN A 160 -7.29 13.23 7.02
N TYR A 161 -7.84 13.56 5.86
CA TYR A 161 -7.46 14.74 5.03
C TYR A 161 -8.61 15.74 5.00
N LYS A 162 -8.32 17.04 4.84
CA LYS A 162 -9.30 18.06 4.36
C LYS A 162 -8.95 18.44 2.90
N LEU A 163 -9.94 18.51 2.02
CA LEU A 163 -9.78 19.11 0.67
C LEU A 163 -10.09 20.60 0.82
N VAL A 164 -9.08 21.46 0.63
CA VAL A 164 -9.25 22.94 0.76
C VAL A 164 -9.05 23.57 -0.62
N ALA A 165 -9.89 24.52 -0.98
CA ALA A 165 -9.75 25.37 -2.19
C ALA A 165 -8.98 26.62 -1.80
N ALA A 166 -7.73 26.73 -2.25
CA ALA A 166 -6.82 27.87 -2.00
C ALA A 166 -6.88 28.84 -3.16
N PRO A 167 -7.22 30.11 -2.90
CA PRO A 167 -7.14 31.12 -3.93
C PRO A 167 -5.67 31.38 -4.26
N LEU A 168 -5.40 31.79 -5.49
CA LEU A 168 -4.02 32.01 -5.94
C LEU A 168 -3.33 33.04 -5.05
N PHE A 169 -4.02 34.11 -4.65
CA PHE A 169 -3.33 35.17 -3.85
C PHE A 169 -2.76 34.58 -2.57
N GLU A 170 -3.42 33.56 -2.01
CA GLU A 170 -2.95 32.98 -0.73
C GLU A 170 -1.69 32.16 -0.95
N LEU A 171 -1.53 31.57 -2.14
CA LEU A 171 -0.32 30.80 -2.45
C LEU A 171 0.84 31.70 -2.75
N TYR A 172 0.59 32.80 -3.45
CA TYR A 172 1.61 33.66 -4.06
C TYR A 172 2.57 34.20 -2.98
N ASP A 173 3.87 34.06 -3.22
CA ASP A 173 4.99 34.45 -2.32
C ASP A 173 4.70 33.93 -0.90
N ASN A 174 4.16 32.70 -0.76
CA ASN A 174 3.90 32.05 0.56
C ASN A 174 4.59 30.68 0.63
N ALA A 175 5.89 30.63 0.34
CA ALA A 175 6.72 29.40 0.43
C ALA A 175 6.75 28.89 1.87
N PRO A 176 6.93 29.78 2.89
CA PRO A 176 6.91 29.32 4.28
C PRO A 176 5.63 28.49 4.53
N GLY A 177 4.47 29.01 4.12
CA GLY A 177 3.16 28.35 4.31
C GLY A 177 3.00 27.10 3.47
N TYR A 178 3.49 27.07 2.22
CA TYR A 178 3.06 26.03 1.25
C TYR A 178 4.26 25.36 0.63
N GLY A 179 5.44 25.92 0.80
CA GLY A 179 6.65 25.39 0.15
C GLY A 179 6.76 25.91 -1.29
N PRO A 180 7.88 25.61 -1.95
CA PRO A 180 8.30 26.29 -3.17
C PRO A 180 7.55 25.84 -4.42
N ILE A 181 6.95 24.66 -4.36
CA ILE A 181 6.21 24.14 -5.54
C ILE A 181 4.81 24.72 -5.54
N ILE A 182 4.05 24.53 -4.47
CA ILE A 182 2.67 25.06 -4.41
C ILE A 182 2.67 26.60 -4.47
N SER A 183 3.61 27.28 -3.82
CA SER A 183 3.67 28.75 -3.77
C SER A 183 4.01 29.32 -5.16
N SER A 184 4.56 28.51 -6.07
CA SER A 184 4.86 29.01 -7.45
C SER A 184 3.72 28.63 -8.41
N LEU A 185 2.63 28.04 -7.95
CA LEU A 185 1.52 27.70 -8.86
C LEU A 185 0.91 28.95 -9.49
N PRO A 186 0.72 30.10 -8.79
CA PRO A 186 0.17 31.28 -9.45
C PRO A 186 0.99 31.61 -10.72
N GLN A 187 2.30 31.68 -10.59
CA GLN A 187 3.16 31.96 -11.77
C GLN A 187 2.94 30.89 -12.83
N LEU A 188 2.96 29.60 -12.43
CA LEU A 188 2.90 28.48 -13.38
C LEU A 188 1.53 28.42 -14.08
N LEU A 189 0.46 28.95 -13.46
CA LEU A 189 -0.91 28.89 -14.02
C LEU A 189 -1.22 30.14 -14.86
N SER A 190 -0.39 31.18 -14.76
CA SER A 190 -0.70 32.47 -15.40
C SER A 190 -0.80 32.36 -16.92
N ARG A 191 -0.13 31.38 -17.51
CA ARG A 191 -0.12 31.25 -18.99
C ARG A 191 -1.48 30.76 -19.49
N PHE A 192 -2.34 30.20 -18.64
CA PHE A 192 -3.59 29.60 -19.14
C PHE A 192 -4.65 30.66 -19.35
N ASN A 193 -5.48 30.43 -20.35
CA ASN A 193 -6.69 31.22 -20.59
C ASN A 193 -7.84 30.51 -19.87
N PHE A 194 -8.12 30.88 -18.64
CA PHE A 194 -9.22 30.20 -17.91
C PHE A 194 -10.56 30.76 -18.36
N ILE A 195 -11.51 29.86 -18.59
CA ILE A 195 -12.94 30.19 -18.85
C ILE A 195 -13.70 29.93 -17.53
N TYR A 196 -14.40 30.93 -17.01
CA TYR A 196 -15.13 30.82 -15.73
C TYR A 196 -16.57 30.46 -16.05
N ASN A 197 -16.89 29.17 -16.01
CA ASN A 197 -18.24 28.65 -16.41
C ASN A 197 -19.18 28.73 -15.19
N SER B 1 18.93 -15.81 -16.83
CA SER B 1 18.11 -17.03 -17.14
C SER B 1 17.86 -17.86 -15.89
N MET B 2 18.77 -17.79 -14.90
CA MET B 2 18.42 -18.03 -13.47
C MET B 2 17.63 -16.81 -13.01
N LEU B 3 16.30 -16.91 -13.16
CA LEU B 3 15.30 -15.90 -12.73
C LEU B 3 14.71 -16.31 -11.38
N GLU B 4 15.40 -17.23 -10.68
CA GLU B 4 14.87 -17.96 -9.50
C GLU B 4 15.51 -17.43 -8.20
N ARG B 5 14.66 -17.06 -7.28
CA ARG B 5 15.00 -16.68 -5.91
C ARG B 5 15.44 -17.94 -5.17
N THR B 6 16.61 -17.87 -4.54
CA THR B 6 17.19 -18.99 -3.76
C THR B 6 16.76 -18.82 -2.30
N ILE B 7 16.22 -19.88 -1.71
CA ILE B 7 15.78 -19.86 -0.29
C ILE B 7 16.43 -21.02 0.47
N ASN B 8 17.12 -20.72 1.58
CA ASN B 8 17.68 -21.74 2.47
C ASN B 8 16.54 -22.41 3.28
N LEU B 9 16.47 -23.73 3.21
CA LEU B 9 15.65 -24.54 4.16
C LEU B 9 16.60 -25.29 5.08
N TYR B 10 16.07 -25.59 6.27
CA TYR B 10 16.80 -26.35 7.30
C TYR B 10 15.88 -27.45 7.77
N PRO B 11 16.50 -28.52 8.27
CA PRO B 11 15.75 -29.63 8.80
C PRO B 11 14.79 -29.22 9.90
N LEU B 12 13.63 -29.87 9.89
CA LEU B 12 12.62 -29.67 10.93
C LEU B 12 13.26 -29.83 12.32
N THR B 13 14.20 -30.77 12.47
CA THR B 13 14.84 -31.04 13.79
C THR B 13 15.81 -29.92 14.22
N ASN B 14 16.11 -28.94 13.36
CA ASN B 14 16.84 -27.71 13.77
C ASN B 14 15.96 -26.81 14.63
N TYR B 15 14.63 -27.02 14.66
CA TYR B 15 13.70 -26.10 15.35
C TYR B 15 13.17 -26.74 16.64
N THR B 16 12.97 -25.92 17.65
CA THR B 16 12.44 -26.34 18.97
C THR B 16 11.04 -25.77 19.07
N PHE B 17 10.06 -26.64 19.31
CA PHE B 17 8.62 -26.28 19.37
C PHE B 17 8.20 -26.24 20.84
N GLY B 18 8.32 -25.08 21.48
CA GLY B 18 7.93 -24.87 22.88
C GLY B 18 6.42 -24.63 22.96
N THR B 19 5.91 -24.40 24.16
CA THR B 19 4.47 -24.11 24.35
C THR B 19 4.34 -22.84 25.17
N LYS B 20 3.23 -22.13 24.99
CA LYS B 20 2.87 -20.96 25.82
C LYS B 20 1.36 -20.92 25.99
N GLU B 21 0.88 -19.83 26.57
CA GLU B 21 -0.55 -19.68 26.95
C GLU B 21 -1.41 -19.75 25.71
N PRO B 22 -2.69 -20.22 25.85
CA PRO B 22 -3.59 -20.29 24.72
C PRO B 22 -3.78 -18.87 24.14
N LEU B 23 -4.07 -18.85 22.85
CA LEU B 23 -4.34 -17.63 22.06
C LEU B 23 -5.68 -17.87 21.41
N TYR B 24 -6.68 -17.05 21.75
CA TYR B 24 -8.08 -17.18 21.29
C TYR B 24 -8.29 -16.18 20.15
N GLU B 25 -9.08 -16.57 19.15
CA GLU B 25 -9.55 -15.68 18.05
C GLU B 25 -10.42 -14.57 18.67
N LYS B 26 -10.26 -13.30 18.23
CA LYS B 26 -11.09 -12.14 18.62
C LYS B 26 -12.58 -12.44 18.40
N ASP B 27 -12.92 -13.24 17.37
CA ASP B 27 -14.30 -13.59 16.95
C ASP B 27 -14.70 -14.96 17.49
N SER B 28 -15.93 -15.07 18.00
CA SER B 28 -16.45 -16.23 18.78
C SER B 28 -17.29 -17.16 17.90
N SER B 29 -17.30 -16.97 16.58
CA SER B 29 -18.43 -17.39 15.70
C SER B 29 -18.26 -16.86 14.26
N VAL B 30 -18.70 -17.64 13.26
CA VAL B 30 -18.79 -17.25 11.82
C VAL B 30 -19.62 -15.97 11.69
N ALA B 31 -20.71 -15.83 12.46
CA ALA B 31 -21.62 -14.67 12.39
C ALA B 31 -20.95 -13.45 13.04
N ALA B 32 -20.31 -13.61 14.20
CA ALA B 32 -19.58 -12.56 14.93
C ALA B 32 -18.40 -12.04 14.09
N ARG B 33 -17.83 -12.91 13.26
CA ARG B 33 -16.70 -12.58 12.36
C ARG B 33 -17.18 -11.59 11.29
N PHE B 34 -18.23 -11.96 10.55
CA PHE B 34 -18.75 -11.17 9.40
C PHE B 34 -19.44 -9.90 9.92
N GLN B 35 -20.03 -9.94 11.13
CA GLN B 35 -20.54 -8.72 11.82
C GLN B 35 -19.39 -7.76 12.10
N ARG B 36 -18.27 -8.23 12.66
CA ARG B 36 -17.16 -7.31 13.05
C ARG B 36 -16.51 -6.79 11.77
N MET B 37 -16.37 -7.64 10.75
CA MET B 37 -15.83 -7.24 9.43
C MET B 37 -16.67 -6.08 8.88
N ARG B 38 -18.01 -6.17 8.94
CA ARG B 38 -18.97 -5.09 8.57
C ARG B 38 -18.67 -3.81 9.37
N GLU B 39 -18.67 -3.90 10.69
CA GLU B 39 -18.46 -2.74 11.60
C GLU B 39 -17.18 -2.02 11.18
N GLU B 40 -16.10 -2.78 11.03
CA GLU B 40 -14.75 -2.21 10.80
C GLU B 40 -14.68 -1.67 9.38
N PHE B 41 -15.30 -2.36 8.41
CA PHE B 41 -15.30 -1.89 7.01
C PHE B 41 -15.81 -0.45 6.98
N ASP B 42 -16.92 -0.18 7.66
CA ASP B 42 -17.57 1.16 7.76
C ASP B 42 -16.62 2.23 8.34
N LYS B 43 -15.76 1.88 9.31
CA LYS B 43 -14.85 2.83 10.01
C LYS B 43 -13.49 2.97 9.30
N ILE B 44 -12.86 1.87 8.87
CA ILE B 44 -11.47 1.92 8.33
C ILE B 44 -11.37 1.32 6.93
N GLY B 45 -12.45 0.79 6.37
CA GLY B 45 -12.46 0.30 4.99
C GLY B 45 -11.92 -1.12 4.95
N MET B 46 -11.31 -1.50 3.84
CA MET B 46 -10.92 -2.91 3.52
C MET B 46 -10.07 -3.47 4.67
N ARG B 47 -10.44 -4.63 5.21
CA ARG B 47 -9.61 -5.36 6.19
C ARG B 47 -8.30 -5.74 5.48
N ARG B 48 -7.16 -5.57 6.14
CA ARG B 48 -5.86 -5.95 5.57
C ARG B 48 -5.29 -7.05 6.44
N THR B 49 -5.14 -8.27 5.90
N THR B 49 -5.10 -8.23 5.85
CA THR B 49 -4.54 -9.42 6.62
CA THR B 49 -4.59 -9.47 6.51
C THR B 49 -3.23 -9.82 5.94
C THR B 49 -3.22 -9.81 5.92
N VAL B 50 -2.31 -10.36 6.74
CA VAL B 50 -1.01 -10.83 6.26
C VAL B 50 -0.83 -12.24 6.83
N GLU B 51 -0.24 -13.10 6.04
CA GLU B 51 0.03 -14.48 6.49
C GLU B 51 1.47 -14.84 6.12
N GLY B 52 2.12 -15.56 7.00
CA GLY B 52 3.52 -15.99 6.80
C GLY B 52 3.61 -17.46 6.45
N VAL B 53 4.41 -17.76 5.44
CA VAL B 53 4.66 -19.13 4.97
C VAL B 53 6.08 -19.47 5.40
N LEU B 54 6.19 -20.35 6.39
CA LEU B 54 7.45 -20.82 7.01
C LEU B 54 7.73 -22.21 6.51
N ILE B 55 8.91 -22.42 5.93
CA ILE B 55 9.21 -23.67 5.22
C ILE B 55 10.42 -24.30 5.91
N VAL B 56 10.33 -25.62 6.11
CA VAL B 56 11.43 -26.47 6.60
C VAL B 56 11.57 -27.60 5.60
N HIS B 57 12.56 -28.45 5.81
CA HIS B 57 12.55 -29.69 5.04
C HIS B 57 12.73 -30.86 5.98
N GLU B 58 12.27 -32.02 5.55
N GLU B 58 12.29 -32.01 5.48
CA GLU B 58 12.75 -33.31 6.10
CA GLU B 58 12.69 -33.37 5.92
C GLU B 58 12.83 -34.26 4.90
C GLU B 58 13.10 -34.12 4.65
N HIS B 59 14.04 -34.75 4.61
N HIS B 59 14.19 -34.87 4.69
CA HIS B 59 14.32 -35.70 3.51
CA HIS B 59 14.63 -35.73 3.57
C HIS B 59 14.49 -34.93 2.20
C HIS B 59 14.55 -34.96 2.24
N ARG B 60 14.91 -33.66 2.27
CA ARG B 60 14.95 -32.78 1.08
C ARG B 60 13.54 -32.63 0.47
N LEU B 61 12.47 -32.76 1.27
CA LEU B 61 11.09 -32.41 0.83
C LEU B 61 10.64 -31.16 1.59
N PRO B 62 10.20 -30.09 0.90
CA PRO B 62 9.75 -28.92 1.62
C PRO B 62 8.43 -29.22 2.34
N HIS B 63 8.34 -28.71 3.54
CA HIS B 63 7.15 -28.74 4.40
C HIS B 63 6.79 -27.33 4.84
N VAL B 64 5.50 -27.03 4.83
CA VAL B 64 5.00 -25.74 5.36
C VAL B 64 4.55 -25.90 6.80
N LEU B 65 4.93 -24.96 7.65
CA LEU B 65 4.50 -24.97 9.07
C LEU B 65 3.08 -24.42 9.16
N LEU B 66 2.15 -25.25 9.65
CA LEU B 66 0.72 -24.86 9.77
C LEU B 66 0.32 -24.90 11.24
N LEU B 67 -0.54 -23.99 11.65
CA LEU B 67 -1.21 -24.04 12.96
C LEU B 67 -2.43 -24.96 12.84
N GLN B 68 -2.48 -26.03 13.63
CA GLN B 68 -3.61 -26.99 13.64
C GLN B 68 -4.47 -26.71 14.89
N LEU B 69 -5.78 -26.58 14.66
CA LEU B 69 -6.82 -26.46 15.69
C LEU B 69 -7.72 -27.68 15.54
N GLY B 70 -7.80 -28.50 16.59
CA GLY B 70 -8.60 -29.75 16.58
C GLY B 70 -7.97 -30.80 15.70
N THR B 71 -8.78 -31.55 14.96
CA THR B 71 -8.34 -32.61 14.02
C THR B 71 -8.16 -32.01 12.63
N THR B 72 -8.99 -31.00 12.28
CA THR B 72 -9.39 -30.69 10.89
C THR B 72 -9.10 -29.23 10.49
N PHE B 73 -8.85 -28.32 11.43
CA PHE B 73 -8.73 -26.86 11.12
C PHE B 73 -7.25 -26.49 11.04
N PHE B 74 -6.84 -25.87 9.93
CA PHE B 74 -5.44 -25.47 9.65
C PHE B 74 -5.42 -24.00 9.26
N LYS B 75 -4.45 -23.25 9.79
CA LYS B 75 -4.27 -21.85 9.39
C LYS B 75 -2.77 -21.51 9.34
N LEU B 76 -2.44 -20.51 8.52
CA LEU B 76 -1.09 -19.93 8.56
C LEU B 76 -0.99 -18.96 9.73
N PRO B 77 0.22 -18.79 10.29
CA PRO B 77 0.44 -17.74 11.25
C PRO B 77 0.24 -16.41 10.51
N GLY B 78 -0.54 -15.53 11.11
CA GLY B 78 -0.79 -14.20 10.55
C GLY B 78 -1.95 -13.55 11.26
N GLY B 79 -2.57 -12.56 10.62
CA GLY B 79 -3.67 -11.83 11.26
C GLY B 79 -3.86 -10.45 10.67
N GLU B 80 -4.56 -9.61 11.43
CA GLU B 80 -5.04 -8.32 10.95
C GLU B 80 -3.97 -7.25 11.22
N LEU B 81 -3.72 -6.43 10.21
CA LEU B 81 -2.86 -5.24 10.38
C LEU B 81 -3.65 -4.14 11.08
N ASN B 82 -2.94 -3.33 11.84
CA ASN B 82 -3.50 -2.14 12.52
C ASN B 82 -3.68 -1.06 11.46
N PRO B 83 -4.59 -0.08 11.68
CA PRO B 83 -4.73 1.05 10.75
C PRO B 83 -3.37 1.69 10.44
N GLY B 84 -3.02 1.77 9.15
CA GLY B 84 -1.78 2.42 8.69
C GLY B 84 -0.51 1.61 8.89
N GLU B 85 -0.60 0.39 9.39
CA GLU B 85 0.61 -0.44 9.67
C GLU B 85 1.26 -0.97 8.37
N ASP B 86 2.58 -0.92 8.27
CA ASP B 86 3.35 -1.53 7.16
C ASP B 86 3.09 -3.05 7.14
N GLU B 87 2.85 -3.62 5.96
CA GLU B 87 2.46 -5.06 5.83
C GLU B 87 3.57 -5.92 6.44
N VAL B 88 4.83 -5.68 6.07
CA VAL B 88 5.95 -6.55 6.54
C VAL B 88 6.16 -6.34 8.05
N GLU B 89 6.13 -5.10 8.55
CA GLU B 89 6.35 -4.88 10.00
C GLU B 89 5.18 -5.50 10.78
N GLY B 90 3.99 -5.44 10.24
CA GLY B 90 2.80 -5.99 10.89
C GLY B 90 2.85 -7.52 10.86
N LEU B 91 3.26 -8.13 9.76
CA LEU B 91 3.49 -9.61 9.80
C LEU B 91 4.55 -9.96 10.87
N LYS B 92 5.67 -9.26 10.96
CA LYS B 92 6.69 -9.56 12.02
C LYS B 92 6.07 -9.44 13.42
N ARG B 93 5.25 -8.41 13.66
CA ARG B 93 4.54 -8.26 14.95
C ARG B 93 3.65 -9.49 15.22
N LEU B 94 2.84 -9.90 14.26
CA LEU B 94 1.88 -11.02 14.38
C LEU B 94 2.62 -12.36 14.60
N MET B 95 3.70 -12.60 13.85
N MET B 95 3.73 -12.59 13.89
CA MET B 95 4.55 -13.82 13.98
CA MET B 95 4.54 -13.83 13.98
C MET B 95 5.06 -13.92 15.42
C MET B 95 5.16 -13.95 15.38
N THR B 96 5.62 -12.82 15.94
CA THR B 96 6.16 -12.75 17.32
C THR B 96 5.01 -12.99 18.31
N GLU B 97 3.85 -12.36 18.09
CA GLU B 97 2.63 -12.55 18.92
C GLU B 97 2.29 -14.04 18.97
N ILE B 98 2.33 -14.72 17.83
CA ILE B 98 1.82 -16.12 17.74
C ILE B 98 2.91 -17.12 18.15
N LEU B 99 4.16 -16.95 17.70
CA LEU B 99 5.23 -17.98 17.87
C LEU B 99 6.42 -17.48 18.68
N GLY B 100 6.46 -16.21 19.05
CA GLY B 100 7.58 -15.62 19.79
C GLY B 100 7.59 -16.11 21.21
N ARG B 101 8.77 -16.54 21.68
CA ARG B 101 9.05 -17.02 23.06
C ARG B 101 8.84 -15.82 24.00
N GLN B 102 8.02 -16.00 25.03
CA GLN B 102 7.46 -14.92 25.88
C GLN B 102 8.12 -14.95 27.26
N ASP B 103 9.17 -14.13 27.48
CA ASP B 103 9.93 -13.44 26.47
C ASP B 103 11.39 -13.47 26.92
N GLY B 104 12.37 -13.36 26.01
CA GLY B 104 12.21 -13.05 24.59
C GLY B 104 13.52 -12.53 24.03
N VAL B 105 13.83 -12.82 22.76
CA VAL B 105 15.15 -12.47 22.11
C VAL B 105 15.20 -10.98 21.77
N LEU B 106 14.40 -10.48 20.82
CA LEU B 106 13.37 -11.23 20.11
C LEU B 106 13.99 -11.89 18.86
N GLN B 107 13.32 -12.93 18.36
CA GLN B 107 13.57 -13.52 17.02
C GLN B 107 13.36 -12.42 15.97
N ASP B 108 14.29 -12.22 15.04
CA ASP B 108 14.10 -11.28 13.90
C ASP B 108 13.73 -12.12 12.66
N TRP B 109 12.51 -11.92 12.18
CA TRP B 109 11.93 -12.62 11.01
C TRP B 109 12.47 -11.97 9.74
N VAL B 110 12.92 -12.73 8.77
CA VAL B 110 13.37 -12.22 7.45
C VAL B 110 12.21 -12.42 6.47
N ILE B 111 11.67 -11.31 5.96
CA ILE B 111 10.47 -11.32 5.08
C ILE B 111 10.76 -10.47 3.85
N ASP B 112 11.17 -11.10 2.75
CA ASP B 112 11.59 -10.39 1.51
C ASP B 112 10.77 -10.82 0.28
N ASP B 113 9.77 -11.71 0.36
CA ASP B 113 9.13 -12.24 -0.86
C ASP B 113 7.61 -12.25 -0.68
N CYS B 114 6.89 -11.65 -1.62
CA CYS B 114 5.42 -11.74 -1.74
C CYS B 114 5.14 -13.04 -2.48
N ILE B 115 4.35 -13.97 -1.89
CA ILE B 115 3.94 -15.27 -2.48
C ILE B 115 2.64 -15.05 -3.27
N GLY B 116 1.70 -14.22 -2.76
CA GLY B 116 0.40 -14.11 -3.41
C GLY B 116 -0.54 -13.19 -2.68
N ASN B 117 -1.72 -13.01 -3.27
CA ASN B 117 -2.76 -12.08 -2.78
C ASN B 117 -4.12 -12.77 -2.94
N TRP B 118 -4.96 -12.60 -1.93
CA TRP B 118 -6.36 -13.08 -1.97
C TRP B 118 -7.28 -11.96 -1.55
N TRP B 119 -8.43 -11.92 -2.23
CA TRP B 119 -9.45 -10.85 -2.00
C TRP B 119 -10.81 -11.46 -1.69
N ARG B 120 -11.49 -10.85 -0.76
CA ARG B 120 -12.85 -11.26 -0.32
C ARG B 120 -13.82 -10.20 -0.84
N PRO B 121 -14.63 -10.52 -1.86
CA PRO B 121 -15.50 -9.51 -2.45
C PRO B 121 -16.63 -9.09 -1.49
N ASN B 122 -17.15 -10.04 -0.71
CA ASN B 122 -18.35 -9.82 0.16
C ASN B 122 -18.06 -10.15 1.62
N PHE B 123 -19.03 -9.88 2.48
CA PHE B 123 -18.96 -10.25 3.91
C PHE B 123 -19.43 -11.71 3.99
N GLU B 124 -18.70 -12.59 3.31
CA GLU B 124 -19.02 -14.02 3.10
C GLU B 124 -17.70 -14.77 3.00
N PRO B 125 -17.68 -16.10 3.18
CA PRO B 125 -16.42 -16.85 3.18
C PRO B 125 -15.60 -16.81 1.88
N PRO B 126 -16.19 -16.75 0.67
CA PRO B 126 -15.41 -16.86 -0.57
C PRO B 126 -14.28 -15.81 -0.69
N GLN B 127 -13.10 -16.34 -1.03
CA GLN B 127 -11.91 -15.51 -1.32
C GLN B 127 -11.34 -15.98 -2.65
N TYR B 128 -10.78 -15.04 -3.43
CA TYR B 128 -10.31 -15.27 -4.80
C TYR B 128 -8.90 -14.73 -4.97
N PRO B 129 -8.06 -15.37 -5.80
CA PRO B 129 -6.68 -14.90 -6.01
C PRO B 129 -6.59 -13.79 -7.06
N TYR B 130 -7.63 -12.99 -7.14
CA TYR B 130 -7.82 -11.95 -8.18
C TYR B 130 -8.92 -11.05 -7.64
N ILE B 131 -9.00 -9.82 -8.13
CA ILE B 131 -10.13 -8.90 -7.79
C ILE B 131 -11.24 -9.19 -8.77
N PRO B 132 -12.40 -9.74 -8.35
CA PRO B 132 -13.40 -10.12 -9.33
C PRO B 132 -13.98 -8.89 -10.04
N ALA B 133 -14.54 -9.16 -11.22
CA ALA B 133 -15.17 -8.15 -12.11
C ALA B 133 -16.13 -7.28 -11.31
N HIS B 134 -16.01 -5.96 -11.45
CA HIS B 134 -16.93 -4.91 -10.92
C HIS B 134 -16.91 -4.93 -9.38
N ILE B 135 -15.92 -5.57 -8.75
CA ILE B 135 -15.75 -5.47 -7.27
C ILE B 135 -14.76 -4.34 -7.01
N THR B 136 -15.29 -3.15 -6.77
CA THR B 136 -14.49 -1.92 -6.62
C THR B 136 -14.11 -1.79 -5.16
N LYS B 137 -14.95 -2.33 -4.26
CA LYS B 137 -14.72 -2.22 -2.79
C LYS B 137 -14.56 -3.61 -2.17
N PRO B 138 -13.46 -4.37 -2.36
CA PRO B 138 -13.35 -5.66 -1.66
C PRO B 138 -13.38 -5.46 -0.15
N LYS B 139 -13.89 -6.43 0.63
CA LYS B 139 -14.02 -6.31 2.08
C LYS B 139 -12.72 -6.70 2.78
N GLU B 140 -11.87 -7.49 2.13
CA GLU B 140 -10.61 -7.95 2.76
C GLU B 140 -9.58 -8.19 1.65
N HIS B 141 -8.37 -7.77 1.94
CA HIS B 141 -7.16 -8.07 1.14
C HIS B 141 -6.19 -8.82 2.03
N LYS B 142 -5.86 -10.04 1.63
CA LYS B 142 -4.94 -10.94 2.35
C LYS B 142 -3.67 -11.07 1.53
N LYS B 143 -2.54 -10.80 2.13
CA LYS B 143 -1.21 -10.91 1.48
C LYS B 143 -0.44 -12.05 2.10
N LEU B 144 0.16 -12.89 1.24
CA LEU B 144 0.98 -14.02 1.68
C LEU B 144 2.46 -13.66 1.47
N PHE B 145 3.28 -13.91 2.47
CA PHE B 145 4.75 -13.66 2.41
C PHE B 145 5.50 -14.94 2.76
N LEU B 146 6.62 -15.17 2.06
CA LEU B 146 7.59 -16.25 2.44
C LEU B 146 8.47 -15.72 3.57
N VAL B 147 8.45 -16.40 4.71
CA VAL B 147 9.24 -15.97 5.89
C VAL B 147 10.45 -16.91 5.93
N GLN B 148 11.64 -16.38 5.67
CA GLN B 148 12.90 -17.18 5.69
C GLN B 148 13.33 -17.40 7.15
N LEU B 149 13.54 -18.65 7.52
CA LEU B 149 13.90 -19.03 8.89
C LEU B 149 15.41 -19.04 9.02
N GLN B 150 15.88 -18.69 10.21
CA GLN B 150 17.28 -18.86 10.62
C GLN B 150 17.58 -20.36 10.65
N GLU B 151 18.86 -20.71 10.63
CA GLU B 151 19.25 -22.13 10.71
C GLU B 151 18.62 -22.83 11.93
N LYS B 152 18.55 -22.19 13.09
CA LYS B 152 17.93 -22.71 14.34
C LYS B 152 16.99 -21.65 14.89
N ALA B 153 15.85 -22.09 15.42
CA ALA B 153 14.94 -21.18 16.13
C ALA B 153 14.17 -21.95 17.19
N LEU B 154 13.77 -21.25 18.24
CA LEU B 154 12.80 -21.73 19.25
C LEU B 154 11.45 -21.06 18.93
N PHE B 155 10.41 -21.86 18.66
CA PHE B 155 9.01 -21.37 18.54
C PHE B 155 8.26 -21.69 19.84
N ALA B 156 7.49 -20.71 20.32
CA ALA B 156 6.59 -20.86 21.49
C ALA B 156 5.18 -20.96 20.94
N VAL B 157 4.63 -22.17 20.85
CA VAL B 157 3.31 -22.40 20.22
C VAL B 157 2.23 -22.27 21.30
N PRO B 158 1.20 -21.42 21.10
CA PRO B 158 0.06 -21.40 22.02
C PRO B 158 -0.55 -22.80 22.22
N LYS B 159 -0.79 -23.11 23.50
CA LYS B 159 -1.19 -24.45 24.00
C LYS B 159 -2.37 -25.02 23.21
N ASN B 160 -3.28 -24.17 22.73
CA ASN B 160 -4.53 -24.67 22.08
C ASN B 160 -4.26 -24.97 20.61
N TYR B 161 -3.05 -24.69 20.13
CA TYR B 161 -2.62 -25.06 18.77
C TYR B 161 -1.49 -26.08 18.81
N LYS B 162 -1.37 -26.87 17.74
CA LYS B 162 -0.12 -27.60 17.38
C LYS B 162 0.46 -26.96 16.11
N LEU B 163 1.77 -26.73 16.07
CA LEU B 163 2.49 -26.44 14.80
C LEU B 163 2.76 -27.79 14.13
N VAL B 164 2.28 -27.98 12.90
CA VAL B 164 2.54 -29.20 12.10
C VAL B 164 3.35 -28.82 10.87
N ALA B 165 4.27 -29.69 10.50
CA ALA B 165 5.08 -29.53 9.28
C ALA B 165 4.40 -30.35 8.20
N ALA B 166 3.67 -29.68 7.30
CA ALA B 166 2.90 -30.35 6.25
C ALA B 166 3.72 -30.40 4.98
N PRO B 167 4.00 -31.59 4.42
CA PRO B 167 4.73 -31.67 3.16
C PRO B 167 3.84 -31.14 2.02
N LEU B 168 4.47 -30.59 0.98
CA LEU B 168 3.75 -29.99 -0.16
C LEU B 168 2.80 -31.00 -0.80
N PHE B 169 3.18 -32.27 -0.92
CA PHE B 169 2.34 -33.25 -1.66
C PHE B 169 1.00 -33.40 -0.95
N GLU B 170 0.96 -33.24 0.36
CA GLU B 170 -0.26 -33.39 1.17
C GLU B 170 -1.18 -32.19 0.91
N LEU B 171 -0.62 -30.99 0.79
CA LEU B 171 -1.43 -29.76 0.60
C LEU B 171 -2.05 -29.85 -0.77
N TYR B 172 -1.28 -30.27 -1.76
CA TYR B 172 -1.72 -30.34 -3.16
C TYR B 172 -2.65 -31.54 -3.31
N ASP B 173 -3.64 -31.48 -4.17
CA ASP B 173 -4.59 -30.39 -4.34
C ASP B 173 -5.80 -30.90 -3.56
N ASN B 174 -5.95 -30.29 -2.39
CA ASN B 174 -6.57 -30.88 -1.19
C ASN B 174 -7.22 -29.68 -0.51
N ALA B 175 -7.89 -28.88 -1.33
CA ALA B 175 -8.70 -27.74 -0.87
C ALA B 175 -9.74 -28.29 0.09
N PRO B 176 -10.28 -29.50 -0.14
CA PRO B 176 -11.29 -30.02 0.76
C PRO B 176 -10.59 -29.97 2.13
N GLY B 177 -9.36 -30.48 2.19
CA GLY B 177 -8.64 -30.62 3.45
C GLY B 177 -8.15 -29.29 4.01
N TYR B 178 -7.58 -28.42 3.17
CA TYR B 178 -6.73 -27.30 3.62
C TYR B 178 -7.34 -25.95 3.23
N GLY B 179 -8.33 -25.98 2.33
CA GLY B 179 -8.90 -24.73 1.82
C GLY B 179 -8.09 -24.21 0.64
N PRO B 180 -8.63 -23.26 -0.13
CA PRO B 180 -8.00 -22.86 -1.39
C PRO B 180 -6.65 -22.15 -1.25
N ILE B 181 -6.44 -21.43 -0.17
CA ILE B 181 -5.18 -20.67 0.08
C ILE B 181 -4.03 -21.66 0.42
N ILE B 182 -4.20 -22.45 1.46
CA ILE B 182 -3.14 -23.39 1.88
C ILE B 182 -2.90 -24.43 0.79
N SER B 183 -3.93 -24.95 0.12
CA SER B 183 -3.75 -26.03 -0.87
C SER B 183 -3.08 -25.53 -2.15
N SER B 184 -2.99 -24.20 -2.41
CA SER B 184 -2.30 -23.70 -3.62
C SER B 184 -0.88 -23.20 -3.25
N LEU B 185 -0.45 -23.40 -2.01
CA LEU B 185 0.94 -23.06 -1.63
C LEU B 185 1.95 -23.84 -2.45
N PRO B 186 1.78 -25.14 -2.77
CA PRO B 186 2.77 -25.85 -3.60
C PRO B 186 2.99 -25.11 -4.92
N GLN B 187 1.91 -24.71 -5.65
CA GLN B 187 2.07 -23.96 -6.88
C GLN B 187 2.86 -22.65 -6.59
N LEU B 188 2.48 -21.94 -5.55
CA LEU B 188 3.02 -20.60 -5.25
C LEU B 188 4.49 -20.73 -4.85
N LEU B 189 4.90 -21.87 -4.30
CA LEU B 189 6.29 -22.04 -3.85
C LEU B 189 7.13 -22.65 -4.96
N SER B 190 6.56 -23.10 -6.07
CA SER B 190 7.28 -23.91 -7.08
C SER B 190 8.36 -23.09 -7.79
N ARG B 191 8.22 -21.77 -7.84
CA ARG B 191 9.22 -20.88 -8.48
C ARG B 191 10.51 -20.86 -7.66
N PHE B 192 10.50 -21.17 -6.37
CA PHE B 192 11.71 -20.95 -5.52
C PHE B 192 12.73 -22.05 -5.73
N ASN B 193 14.01 -21.65 -5.72
CA ASN B 193 15.13 -22.59 -5.74
C ASN B 193 15.46 -22.89 -4.27
N PHE B 194 14.94 -23.96 -3.72
CA PHE B 194 15.17 -24.35 -2.34
C PHE B 194 16.53 -25.06 -2.21
N ILE B 195 17.27 -24.61 -1.20
CA ILE B 195 18.54 -25.23 -0.76
C ILE B 195 18.25 -26.07 0.47
N TYR B 196 18.57 -27.35 0.43
CA TYR B 196 18.28 -28.29 1.54
C TYR B 196 19.56 -28.40 2.38
N ASN B 197 19.62 -27.65 3.45
CA ASN B 197 20.78 -27.60 4.36
C ASN B 197 20.73 -28.73 5.38
N1 RWD C . 12.46 23.33 -0.02
N3 RWD C . 10.94 22.01 -0.81
C4 RWD C . 8.20 20.50 -0.66
C5 RWD C . 9.33 21.80 1.18
C6 RWD C . 10.53 22.34 0.50
C7 RWD C . 11.51 23.21 1.03
C8 RWD C . 13.70 24.05 -0.01
C10 RWD C . 15.66 24.90 1.08
C13 RWD C . 14.24 24.42 -1.27
N RWD C . 10.05 19.46 0.65
C RWD C . 9.80 18.24 1.23
O RWD C . 10.61 17.32 1.30
C1 RWD C . 8.40 18.21 1.77
C11 RWD C . 16.20 25.30 -0.15
C12 RWD C . 15.50 25.06 -1.33
C2 RWD C . 7.98 19.69 1.79
C3 RWD C . 8.89 20.38 0.71
C9 RWD C . 14.41 24.29 1.16
N2 RWD C . 12.04 22.58 -1.11
O1 RWD C . 6.65 19.82 1.42
ZN ZN D . 14.91 13.73 -14.26
ZN ZN E . -20.50 34.86 -9.01
C ACT F . -4.85 35.72 -20.76
O ACT F . -4.58 34.86 -19.88
OXT ACT F . -5.58 35.49 -21.76
CH3 ACT F . -4.25 37.13 -20.64
C ACT G . 1.51 35.61 1.11
O ACT G . 2.35 34.73 1.38
OXT ACT G . 0.39 35.37 0.56
CH3 ACT G . 1.85 37.07 1.46
ZN ZN H . 7.57 -35.16 6.21
ZN ZN I . -18.52 -6.45 -16.75
ZN ZN J . -20.24 -1.07 -14.74
ZN ZN K . -6.54 -5.25 -3.24
C ACT L . -1.11 -35.36 -3.53
O ACT L . -0.28 -36.28 -3.28
OXT ACT L . -2.14 -35.10 -2.86
CH3 ACT L . -0.82 -34.52 -4.73
#